data_4HT6
#
_entry.id   4HT6
#
_cell.length_a   101.506
_cell.length_b   112.747
_cell.length_c   56.369
_cell.angle_alpha   90.00
_cell.angle_beta   90.00
_cell.angle_gamma   90.00
#
_symmetry.space_group_name_H-M   'C 2 2 21'
#
loop_
_entity.id
_entity.type
_entity.pdbx_description
1 polymer 'Dynein light chain 1, cytoplasmic'
2 polymer 'WD repeat-containing protein PAC11'
3 water water
#
loop_
_entity_poly.entity_id
_entity_poly.type
_entity_poly.pdbx_seq_one_letter_code
_entity_poly.pdbx_strand_id
1 'polypeptide(L)'
;GPLGSMSDENKSTPIVKASDITDKLKEDILTISKDALDKYQLERDIAGTVKKQLDVKYGNTWHVIVGKNFGSYVTHEKGH
FVYFYIGPLAFLVFKTA
;
A,C,E
2 'polypeptide(L)' ITYDKGIQTDQ B,D,F
#
# COMPACT_ATOMS: atom_id res chain seq x y z
N SER A 12 2.66 -12.07 -9.78
CA SER A 12 1.74 -12.23 -8.65
C SER A 12 0.45 -11.49 -8.94
N THR A 13 -0.68 -12.19 -8.77
CA THR A 13 -1.99 -11.59 -8.98
C THR A 13 -2.24 -10.48 -7.96
N PRO A 14 -2.64 -9.29 -8.43
CA PRO A 14 -2.84 -8.19 -7.48
C PRO A 14 -3.95 -8.48 -6.48
N ILE A 15 -3.77 -7.97 -5.26
CA ILE A 15 -4.80 -8.08 -4.23
C ILE A 15 -5.46 -6.73 -4.08
N VAL A 16 -6.69 -6.60 -4.54
CA VAL A 16 -7.42 -5.34 -4.43
C VAL A 16 -7.98 -5.17 -3.02
N LYS A 17 -7.62 -4.06 -2.37
CA LYS A 17 -8.04 -3.76 -0.99
C LYS A 17 -9.21 -2.78 -0.92
N ALA A 18 -9.22 -1.82 -1.83
CA ALA A 18 -10.32 -0.84 -1.88
C ALA A 18 -10.43 -0.28 -3.29
N SER A 19 -11.65 0.03 -3.72
CA SER A 19 -11.83 0.56 -5.05
C SER A 19 -13.17 1.25 -5.24
N ASP A 20 -13.16 2.23 -6.12
CA ASP A 20 -14.35 2.84 -6.68
C ASP A 20 -14.02 2.96 -8.16
N ILE A 21 -14.34 1.93 -8.93
CA ILE A 21 -13.82 1.82 -10.28
C ILE A 21 -14.60 0.81 -11.12
N THR A 22 -14.62 1.03 -12.43
CA THR A 22 -15.23 0.09 -13.35
C THR A 22 -14.23 -0.99 -13.72
N ASP A 23 -14.72 -2.10 -14.25
CA ASP A 23 -13.90 -3.30 -14.46
C ASP A 23 -12.77 -3.09 -15.47
N LYS A 24 -13.10 -2.44 -16.58
CA LYS A 24 -12.15 -2.23 -17.67
C LYS A 24 -11.00 -1.35 -17.22
N LEU A 25 -11.33 -0.22 -16.59
CA LEU A 25 -10.33 0.68 -16.07
C LEU A 25 -9.46 -0.01 -15.02
N LYS A 26 -10.08 -0.80 -14.14
CA LYS A 26 -9.32 -1.54 -13.14
C LYS A 26 -8.31 -2.50 -13.76
N GLU A 27 -8.76 -3.30 -14.74
CA GLU A 27 -7.86 -4.27 -15.36
C GLU A 27 -6.69 -3.58 -16.03
N ASP A 28 -6.94 -2.42 -16.65
CA ASP A 28 -5.91 -1.64 -17.29
C ASP A 28 -4.87 -1.12 -16.28
N ILE A 29 -5.35 -0.53 -15.19
CA ILE A 29 -4.44 -0.07 -14.13
C ILE A 29 -3.56 -1.18 -13.60
N LEU A 30 -4.16 -2.33 -13.31
CA LEU A 30 -3.43 -3.48 -12.80
C LEU A 30 -2.38 -3.99 -13.79
N THR A 31 -2.76 -4.06 -15.06
CA THR A 31 -1.86 -4.47 -16.12
C THR A 31 -0.69 -3.50 -16.29
N ILE A 32 -0.99 -2.22 -16.39
CA ILE A 32 0.03 -1.20 -16.48
C ILE A 32 0.97 -1.24 -15.25
N SER A 33 0.40 -1.51 -14.08
CA SER A 33 1.19 -1.56 -12.85
C SER A 33 2.12 -2.78 -12.77
N LYS A 34 1.62 -3.93 -13.22
CA LYS A 34 2.48 -5.11 -13.28
C LYS A 34 3.65 -4.89 -14.25
N ASP A 35 3.36 -4.30 -15.41
CA ASP A 35 4.41 -4.05 -16.41
C ASP A 35 5.42 -3.04 -15.84
N ALA A 36 4.92 -2.08 -15.08
CA ALA A 36 5.76 -1.06 -14.44
C ALA A 36 6.82 -1.67 -13.52
N LEU A 37 6.43 -2.69 -12.77
CA LEU A 37 7.34 -3.39 -11.87
C LEU A 37 8.46 -4.13 -12.58
N ASP A 38 8.19 -4.62 -13.79
CA ASP A 38 9.22 -5.30 -14.57
C ASP A 38 10.20 -4.30 -15.18
N LYS A 39 9.74 -3.08 -15.39
CA LYS A 39 10.52 -2.04 -16.04
C LYS A 39 11.43 -1.26 -15.10
N TYR A 40 10.93 -1.01 -13.89
CA TYR A 40 11.60 -0.08 -12.98
C TYR A 40 11.82 -0.71 -11.61
N GLN A 41 12.87 -0.28 -10.93
CA GLN A 41 13.16 -0.75 -9.57
C GLN A 41 12.71 0.24 -8.50
N LEU A 42 12.79 1.53 -8.79
CA LEU A 42 12.44 2.59 -7.84
C LEU A 42 10.94 2.84 -7.76
N GLU A 43 10.42 2.95 -6.55
CA GLU A 43 9.00 3.19 -6.34
C GLU A 43 8.54 4.45 -7.07
N ARG A 44 9.37 5.48 -7.04
CA ARG A 44 9.05 6.72 -7.74
C ARG A 44 8.85 6.51 -9.24
N ASP A 45 9.73 5.71 -9.85
CA ASP A 45 9.68 5.49 -11.28
C ASP A 45 8.52 4.57 -11.67
N ILE A 46 8.25 3.59 -10.81
CA ILE A 46 7.09 2.74 -10.99
C ILE A 46 5.82 3.60 -11.00
N ALA A 47 5.68 4.50 -10.01
CA ALA A 47 4.51 5.36 -9.92
C ALA A 47 4.41 6.28 -11.14
N GLY A 48 5.55 6.81 -11.55
CA GLY A 48 5.62 7.73 -12.67
C GLY A 48 5.14 7.13 -13.98
N THR A 49 5.53 5.89 -14.27
CA THR A 49 5.14 5.31 -15.55
C THR A 49 3.65 4.95 -15.54
N VAL A 50 3.14 4.55 -14.37
CA VAL A 50 1.70 4.31 -14.26
C VAL A 50 0.91 5.60 -14.48
N LYS A 51 1.30 6.65 -13.75
CA LYS A 51 0.63 7.95 -13.84
C LYS A 51 0.59 8.51 -15.26
N LYS A 52 1.73 8.48 -15.93
CA LYS A 52 1.84 9.06 -17.27
C LYS A 52 1.02 8.29 -18.30
N GLN A 53 1.04 6.96 -18.21
CA GLN A 53 0.27 6.13 -19.14
C GLN A 53 -1.23 6.32 -18.95
N LEU A 54 -1.66 6.47 -17.71
CA LEU A 54 -3.08 6.70 -17.43
C LEU A 54 -3.53 8.08 -17.91
N ASP A 55 -2.69 9.10 -17.70
CA ASP A 55 -2.99 10.43 -18.21
C ASP A 55 -3.26 10.38 -19.73
N VAL A 56 -2.42 9.64 -20.45
CA VAL A 56 -2.55 9.55 -21.92
C VAL A 56 -3.78 8.73 -22.35
N LYS A 57 -4.02 7.62 -21.67
CA LYS A 57 -5.09 6.72 -22.08
C LYS A 57 -6.46 7.18 -21.57
N TYR A 58 -6.50 7.75 -20.36
CA TYR A 58 -7.78 8.05 -19.73
C TYR A 58 -8.01 9.52 -19.43
N GLY A 59 -7.07 10.37 -19.83
CA GLY A 59 -7.17 11.80 -19.56
C GLY A 59 -6.57 12.20 -18.22
N ASN A 60 -6.27 13.48 -18.09
CA ASN A 60 -5.75 14.04 -16.84
C ASN A 60 -6.86 14.04 -15.80
N THR A 61 -6.56 14.03 -14.50
CA THR A 61 -5.22 14.07 -13.94
C THR A 61 -5.04 12.92 -12.96
N TRP A 62 -4.09 12.04 -13.21
CA TRP A 62 -3.84 10.92 -12.32
C TRP A 62 -2.72 11.14 -11.29
N HIS A 63 -2.81 10.44 -10.17
CA HIS A 63 -1.80 10.52 -9.13
C HIS A 63 -1.55 9.10 -8.64
N VAL A 64 -0.28 8.75 -8.42
CA VAL A 64 0.08 7.38 -8.03
C VAL A 64 1.05 7.35 -6.87
N ILE A 65 0.74 6.55 -5.86
CA ILE A 65 1.69 6.29 -4.77
C ILE A 65 2.01 4.80 -4.77
N VAL A 66 3.28 4.47 -4.67
CA VAL A 66 3.75 3.08 -4.63
C VAL A 66 4.73 2.91 -3.45
N GLY A 67 4.44 1.97 -2.56
CA GLY A 67 5.25 1.85 -1.36
C GLY A 67 4.88 0.72 -0.42
N LYS A 68 5.73 0.52 0.58
CA LYS A 68 5.50 -0.52 1.58
C LYS A 68 4.94 0.02 2.89
N ASN A 69 5.14 1.32 3.15
CA ASN A 69 4.63 1.91 4.37
C ASN A 69 4.15 3.35 4.18
N PHE A 70 2.84 3.53 4.13
CA PHE A 70 2.23 4.85 4.09
C PHE A 70 0.75 4.80 4.43
N GLY A 71 0.26 5.93 4.92
CA GLY A 71 -1.16 6.12 5.10
C GLY A 71 -1.47 7.34 4.26
N SER A 72 -2.71 7.45 3.81
CA SER A 72 -3.04 8.55 2.91
C SER A 72 -4.48 8.97 3.07
N TYR A 73 -4.77 10.22 2.75
CA TYR A 73 -6.14 10.68 2.69
C TYR A 73 -6.28 11.60 1.48
N VAL A 74 -7.10 11.20 0.51
CA VAL A 74 -7.18 11.92 -0.76
C VAL A 74 -8.62 12.12 -1.20
N THR A 75 -8.80 12.99 -2.20
CA THR A 75 -10.10 13.22 -2.81
C THR A 75 -10.00 12.82 -4.29
N HIS A 76 -10.94 12.01 -4.76
CA HIS A 76 -10.85 11.52 -6.13
C HIS A 76 -12.17 11.63 -6.86
N GLU A 77 -12.08 11.65 -8.19
CA GLU A 77 -13.25 11.62 -9.05
C GLU A 77 -13.98 10.30 -8.91
N LYS A 78 -15.31 10.37 -8.94
CA LYS A 78 -16.16 9.20 -8.84
C LYS A 78 -15.75 8.17 -9.88
N GLY A 79 -15.56 6.93 -9.45
CA GLY A 79 -15.27 5.85 -10.38
C GLY A 79 -13.81 5.77 -10.81
N HIS A 80 -12.94 6.56 -10.18
CA HIS A 80 -11.52 6.58 -10.54
C HIS A 80 -10.61 6.46 -9.32
N PHE A 81 -10.74 5.34 -8.62
CA PHE A 81 -9.94 5.07 -7.44
C PHE A 81 -9.72 3.58 -7.26
N VAL A 82 -8.47 3.19 -7.08
CA VAL A 82 -8.14 1.82 -6.72
C VAL A 82 -6.91 1.77 -5.83
N TYR A 83 -6.96 0.89 -4.84
CA TYR A 83 -5.85 0.67 -3.91
C TYR A 83 -5.60 -0.85 -3.82
N PHE A 84 -4.37 -1.27 -4.14
CA PHE A 84 -4.11 -2.70 -4.32
C PHE A 84 -2.66 -3.05 -4.03
N TYR A 85 -2.40 -4.33 -3.78
CA TYR A 85 -1.04 -4.81 -3.57
C TYR A 85 -0.62 -5.69 -4.74
N ILE A 86 0.64 -5.59 -5.12
CA ILE A 86 1.25 -6.63 -5.92
C ILE A 86 2.43 -7.10 -5.08
N GLY A 87 2.36 -8.33 -4.58
CA GLY A 87 3.32 -8.76 -3.56
C GLY A 87 3.26 -7.82 -2.38
N PRO A 88 4.42 -7.44 -1.84
CA PRO A 88 4.46 -6.57 -0.65
C PRO A 88 4.26 -5.09 -0.98
N LEU A 89 4.12 -4.75 -2.26
CA LEU A 89 4.11 -3.35 -2.67
C LEU A 89 2.68 -2.84 -2.83
N ALA A 90 2.35 -1.76 -2.14
CA ALA A 90 0.99 -1.20 -2.23
C ALA A 90 0.93 -0.11 -3.30
N PHE A 91 -0.18 -0.05 -4.04
CA PHE A 91 -0.37 0.96 -5.07
C PHE A 91 -1.64 1.74 -4.77
N LEU A 92 -1.51 3.06 -4.71
CA LEU A 92 -2.67 3.92 -4.62
C LEU A 92 -2.76 4.70 -5.92
N VAL A 93 -3.83 4.48 -6.68
CA VAL A 93 -3.99 5.10 -8.00
C VAL A 93 -5.33 5.83 -8.04
N PHE A 94 -5.32 7.12 -8.33
CA PHE A 94 -6.60 7.85 -8.41
C PHE A 94 -6.53 9.04 -9.34
N LYS A 95 -7.70 9.48 -9.82
CA LYS A 95 -7.78 10.61 -10.74
C LYS A 95 -8.54 11.80 -10.11
N THR A 96 -8.05 13.00 -10.39
CA THR A 96 -8.79 14.23 -10.08
C THR A 96 -9.16 14.95 -11.38
N ALA A 97 -10.00 15.97 -11.28
CA ALA A 97 -10.48 16.72 -12.45
C ALA A 97 -9.36 17.12 -13.42
N ILE B 1 -17.89 15.00 -9.67
CA ILE B 1 -18.35 14.44 -8.41
C ILE B 1 -17.21 13.71 -7.74
N THR B 2 -16.94 14.03 -6.47
CA THR B 2 -15.81 13.42 -5.77
C THR B 2 -16.21 12.60 -4.54
N TYR B 3 -15.26 11.80 -4.05
CA TYR B 3 -15.39 11.15 -2.75
C TYR B 3 -14.04 11.30 -2.08
N ASP B 4 -14.03 11.23 -0.75
CA ASP B 4 -12.78 11.22 -0.01
C ASP B 4 -12.51 9.81 0.44
N LYS B 5 -11.23 9.46 0.55
CA LYS B 5 -10.85 8.11 0.97
C LYS B 5 -9.51 8.10 1.72
N GLY B 6 -9.48 7.37 2.83
CA GLY B 6 -8.24 7.21 3.58
C GLY B 6 -7.79 5.76 3.45
N ILE B 7 -6.49 5.53 3.26
CA ILE B 7 -5.99 4.15 3.24
C ILE B 7 -4.75 4.03 4.10
N GLN B 8 -4.46 2.80 4.52
CA GLN B 8 -3.31 2.53 5.36
C GLN B 8 -2.67 1.20 4.97
N THR B 9 -1.39 1.21 4.64
CA THR B 9 -0.68 -0.03 4.31
C THR B 9 -0.65 -0.99 5.51
N ASP B 10 -0.54 -2.30 5.27
CA ASP B 10 -0.53 -3.23 6.41
C ASP B 10 0.83 -3.36 7.09
N GLN B 11 1.90 -3.02 6.38
CA GLN B 11 3.24 -3.01 6.95
C GLN B 11 3.71 -1.56 7.09
N SER C 12 11.36 16.56 17.09
CA SER C 12 12.01 16.52 15.79
C SER C 12 11.85 17.84 15.02
N THR C 13 12.92 18.24 14.33
CA THR C 13 12.87 19.42 13.47
C THR C 13 12.46 19.02 12.06
N PRO C 14 11.35 19.58 11.56
CA PRO C 14 10.92 19.26 10.19
C PRO C 14 12.00 19.64 9.17
N ILE C 15 12.20 18.77 8.19
CA ILE C 15 13.19 18.99 7.14
C ILE C 15 12.47 19.04 5.81
N VAL C 16 12.52 20.17 5.11
CA VAL C 16 11.87 20.24 3.79
C VAL C 16 12.81 19.65 2.74
N LYS C 17 12.32 18.64 2.02
CA LYS C 17 13.13 17.98 1.00
C LYS C 17 12.88 18.53 -0.40
N ALA C 18 11.65 18.92 -0.68
CA ALA C 18 11.28 19.47 -1.98
C ALA C 18 10.06 20.35 -1.78
N SER C 19 9.99 21.46 -2.52
CA SER C 19 8.83 22.34 -2.37
C SER C 19 8.59 23.26 -3.56
N ASP C 20 7.34 23.69 -3.68
CA ASP C 20 6.93 24.75 -4.58
C ASP C 20 5.79 25.43 -3.84
N ILE C 21 6.12 26.43 -3.04
CA ILE C 21 5.16 26.93 -2.06
C ILE C 21 5.67 28.23 -1.45
N THR C 22 4.76 29.05 -0.95
CA THR C 22 5.19 30.26 -0.22
C THR C 22 5.60 29.87 1.19
N ASP C 23 6.44 30.71 1.81
CA ASP C 23 6.95 30.37 3.13
C ASP C 23 5.84 30.36 4.18
N LYS C 24 4.88 31.27 4.05
CA LYS C 24 3.75 31.35 4.96
C LYS C 24 2.94 30.06 4.97
N LEU C 25 2.54 29.60 3.78
CA LEU C 25 1.73 28.39 3.66
C LEU C 25 2.54 27.18 4.11
N LYS C 26 3.83 27.19 3.82
CA LYS C 26 4.73 26.12 4.22
C LYS C 26 4.81 25.97 5.73
N GLU C 27 5.00 27.09 6.42
CA GLU C 27 5.14 27.07 7.88
C GLU C 27 3.87 26.57 8.54
N ASP C 28 2.72 26.95 7.99
CA ASP C 28 1.45 26.51 8.54
C ASP C 28 1.23 25.01 8.33
N ILE C 29 1.56 24.52 7.15
CA ILE C 29 1.52 23.08 6.88
C ILE C 29 2.42 22.32 7.86
N LEU C 30 3.64 22.81 8.09
CA LEU C 30 4.54 22.19 9.05
C LEU C 30 3.98 22.21 10.47
N THR C 31 3.40 23.34 10.86
CA THR C 31 2.83 23.47 12.20
C THR C 31 1.67 22.50 12.41
N ILE C 32 0.75 22.47 11.44
CA ILE C 32 -0.39 21.54 11.46
C ILE C 32 0.06 20.08 11.52
N SER C 33 1.08 19.75 10.74
CA SER C 33 1.58 18.37 10.67
C SER C 33 2.26 17.95 11.96
N LYS C 34 3.07 18.84 12.52
CA LYS C 34 3.69 18.60 13.82
C LYS C 34 2.61 18.38 14.89
N ASP C 35 1.59 19.22 14.89
CA ASP C 35 0.51 19.11 15.86
C ASP C 35 -0.25 17.78 15.68
N ALA C 36 -0.39 17.36 14.42
CA ALA C 36 -1.06 16.09 14.10
C ALA C 36 -0.38 14.90 14.78
N LEU C 37 0.94 14.94 14.87
CA LEU C 37 1.72 13.85 15.48
C LEU C 37 1.53 13.72 16.98
N ASP C 38 1.05 14.79 17.61
CA ASP C 38 0.74 14.76 19.03
C ASP C 38 -0.60 14.09 19.29
N LYS C 39 -1.39 13.91 18.23
CA LYS C 39 -2.78 13.49 18.39
C LYS C 39 -3.12 12.14 17.77
N TYR C 40 -2.44 11.79 16.69
CA TYR C 40 -2.73 10.54 16.02
C TYR C 40 -1.44 9.76 15.82
N GLN C 41 -1.53 8.44 15.90
CA GLN C 41 -0.38 7.58 15.69
C GLN C 41 -0.45 6.83 14.35
N LEU C 42 -1.66 6.65 13.83
CA LEU C 42 -1.84 5.95 12.56
C LEU C 42 -1.57 6.92 11.41
N GLU C 43 -0.74 6.53 10.46
CA GLU C 43 -0.38 7.40 9.33
C GLU C 43 -1.60 7.92 8.57
N ARG C 44 -2.58 7.05 8.38
CA ARG C 44 -3.80 7.44 7.69
C ARG C 44 -4.54 8.56 8.43
N ASP C 45 -4.54 8.48 9.76
CA ASP C 45 -5.21 9.51 10.57
C ASP C 45 -4.40 10.81 10.59
N ILE C 46 -3.06 10.67 10.66
CA ILE C 46 -2.20 11.84 10.52
C ILE C 46 -2.47 12.53 9.18
N ALA C 47 -2.46 11.76 8.10
CA ALA C 47 -2.75 12.30 6.76
C ALA C 47 -4.14 12.95 6.73
N GLY C 48 -5.13 12.26 7.30
CA GLY C 48 -6.50 12.74 7.27
C GLY C 48 -6.70 14.08 7.98
N THR C 49 -6.18 14.22 9.18
CA THR C 49 -6.38 15.47 9.90
C THR C 49 -5.68 16.64 9.18
N VAL C 50 -4.52 16.38 8.58
CA VAL C 50 -3.80 17.45 7.89
C VAL C 50 -4.59 17.87 6.66
N LYS C 51 -5.03 16.89 5.87
CA LYS C 51 -5.82 17.15 4.66
C LYS C 51 -7.07 18.00 4.96
N LYS C 52 -7.83 17.55 5.95
CA LYS C 52 -9.09 18.22 6.29
C LYS C 52 -8.85 19.65 6.76
N GLN C 53 -7.84 19.84 7.58
CA GLN C 53 -7.51 21.17 8.09
C GLN C 53 -7.08 22.12 6.99
N LEU C 54 -6.37 21.61 6.00
CA LEU C 54 -5.93 22.45 4.89
C LEU C 54 -7.12 22.80 3.97
N ASP C 55 -8.01 21.83 3.74
CA ASP C 55 -9.24 22.11 2.99
C ASP C 55 -10.00 23.25 3.67
N VAL C 56 -10.12 23.18 4.98
CA VAL C 56 -10.91 24.18 5.71
C VAL C 56 -10.22 25.55 5.69
N LYS C 57 -8.91 25.58 5.92
CA LYS C 57 -8.21 26.87 6.00
C LYS C 57 -7.95 27.48 4.63
N TYR C 58 -7.57 26.67 3.67
CA TYR C 58 -7.09 27.16 2.38
C TYR C 58 -7.99 26.79 1.19
N GLY C 59 -9.03 26.02 1.43
CA GLY C 59 -9.95 25.66 0.36
C GLY C 59 -9.54 24.34 -0.26
N ASN C 60 -10.47 23.70 -0.94
CA ASN C 60 -10.23 22.43 -1.65
C ASN C 60 -9.27 22.65 -2.81
N THR C 61 -8.52 21.64 -3.23
CA THR C 61 -8.61 20.24 -2.77
C THR C 61 -7.23 19.71 -2.41
N TRP C 62 -7.05 19.32 -1.16
CA TRP C 62 -5.75 18.86 -0.70
C TRP C 62 -5.65 17.33 -0.65
N HIS C 63 -4.43 16.83 -0.75
CA HIS C 63 -4.18 15.40 -0.67
C HIS C 63 -2.93 15.20 0.16
N VAL C 64 -2.91 14.19 1.01
CA VAL C 64 -1.80 14.02 1.93
C VAL C 64 -1.37 12.57 2.03
N ILE C 65 -0.05 12.35 1.98
CA ILE C 65 0.53 11.03 2.17
C ILE C 65 1.51 11.14 3.32
N VAL C 66 1.47 10.16 4.24
CA VAL C 66 2.40 10.13 5.36
C VAL C 66 2.94 8.71 5.49
N GLY C 67 4.26 8.55 5.46
CA GLY C 67 4.82 7.21 5.51
C GLY C 67 6.33 7.18 5.58
N LYS C 68 6.86 5.98 5.76
CA LYS C 68 8.31 5.80 5.82
C LYS C 68 8.89 5.21 4.54
N ASN C 69 8.04 4.63 3.70
CA ASN C 69 8.49 4.07 2.44
C ASN C 69 7.45 4.20 1.36
N PHE C 70 7.71 5.10 0.42
CA PHE C 70 6.88 5.24 -0.78
C PHE C 70 7.57 6.12 -1.81
N GLY C 71 7.21 5.90 -3.05
CA GLY C 71 7.56 6.78 -4.14
C GLY C 71 6.25 7.29 -4.66
N SER C 72 6.26 8.46 -5.28
CA SER C 72 5.01 9.07 -5.68
C SER C 72 5.19 9.88 -6.94
N TYR C 73 4.13 9.99 -7.72
CA TYR C 73 4.17 10.84 -8.90
C TYR C 73 2.81 11.50 -9.02
N VAL C 74 2.78 12.81 -8.78
CA VAL C 74 1.54 13.52 -8.63
C VAL C 74 1.56 14.80 -9.46
N THR C 75 0.39 15.42 -9.59
CA THR C 75 0.30 16.69 -10.29
C THR C 75 -0.38 17.72 -9.38
N HIS C 76 0.31 18.82 -9.12
CA HIS C 76 -0.20 19.80 -8.17
C HIS C 76 -0.35 21.18 -8.80
N GLU C 77 -1.23 21.99 -8.22
CA GLU C 77 -1.34 23.39 -8.60
C GLU C 77 -0.05 24.11 -8.21
N LYS C 78 0.41 24.98 -9.10
CA LYS C 78 1.59 25.80 -8.84
C LYS C 78 1.50 26.46 -7.47
N GLY C 79 2.61 26.43 -6.73
CA GLY C 79 2.66 27.05 -5.42
C GLY C 79 2.02 26.23 -4.31
N HIS C 80 1.55 25.02 -4.61
CA HIS C 80 0.91 24.20 -3.60
C HIS C 80 1.45 22.78 -3.45
N PHE C 81 2.73 22.67 -3.15
CA PHE C 81 3.41 21.38 -3.04
C PHE C 81 4.53 21.45 -2.00
N VAL C 82 4.54 20.50 -1.06
CA VAL C 82 5.67 20.41 -0.14
C VAL C 82 5.85 18.96 0.31
N TYR C 83 7.12 18.57 0.40
CA TYR C 83 7.50 17.21 0.78
C TYR C 83 8.56 17.36 1.87
N PHE C 84 8.33 16.73 3.01
CA PHE C 84 9.16 16.99 4.17
C PHE C 84 9.17 15.82 5.13
N TYR C 85 10.15 15.82 6.04
CA TYR C 85 10.22 14.80 7.08
C TYR C 85 10.00 15.45 8.44
N ILE C 86 9.25 14.77 9.30
CA ILE C 86 9.27 15.02 10.74
C ILE C 86 9.64 13.69 11.40
N GLY C 87 10.81 13.62 12.01
CA GLY C 87 11.34 12.34 12.44
C GLY C 87 11.47 11.38 11.26
N PRO C 88 11.14 10.10 11.46
CA PRO C 88 11.22 9.11 10.38
C PRO C 88 10.06 9.18 9.39
N LEU C 89 9.09 10.05 9.66
CA LEU C 89 7.88 10.12 8.83
C LEU C 89 7.98 11.14 7.70
N ALA C 90 7.83 10.67 6.47
CA ALA C 90 7.78 11.56 5.30
C ALA C 90 6.35 12.04 5.06
N PHE C 91 6.20 13.33 4.76
CA PHE C 91 4.91 13.93 4.46
C PHE C 91 4.93 14.48 3.03
N LEU C 92 3.98 14.04 2.21
CA LEU C 92 3.75 14.64 0.91
C LEU C 92 2.40 15.34 0.98
N VAL C 93 2.40 16.66 0.77
CA VAL C 93 1.20 17.47 0.92
C VAL C 93 1.04 18.34 -0.33
N PHE C 94 -0.10 18.24 -1.00
CA PHE C 94 -0.30 19.04 -2.20
C PHE C 94 -1.76 19.32 -2.49
N LYS C 95 -2.00 20.33 -3.32
CA LYS C 95 -3.34 20.76 -3.65
C LYS C 95 -3.59 20.64 -5.15
N THR C 96 -4.81 20.25 -5.49
CA THR C 96 -5.26 20.30 -6.88
C THR C 96 -6.50 21.20 -6.92
N ALA C 97 -7.09 21.36 -8.10
CA ALA C 97 -8.26 22.22 -8.29
C ALA C 97 -9.41 21.92 -7.31
N ILE D 1 -1.96 26.91 -13.51
CA ILE D 1 -0.77 26.16 -13.87
C ILE D 1 -0.67 24.97 -12.94
N THR D 2 -0.31 23.81 -13.48
CA THR D 2 0.00 22.63 -12.65
C THR D 2 1.35 22.03 -13.06
N TYR D 3 1.97 21.32 -12.13
CA TYR D 3 3.27 20.72 -12.39
C TYR D 3 3.30 19.29 -11.88
N ASP D 4 4.09 18.44 -12.53
CA ASP D 4 4.28 17.07 -12.06
C ASP D 4 5.44 17.02 -11.06
N LYS D 5 5.32 16.15 -10.07
CA LYS D 5 6.42 15.92 -9.15
C LYS D 5 6.57 14.44 -8.85
N GLY D 6 7.77 13.92 -9.06
CA GLY D 6 8.11 12.58 -8.64
C GLY D 6 9.05 12.62 -7.45
N ILE D 7 8.66 11.97 -6.35
CA ILE D 7 9.55 11.91 -5.18
C ILE D 7 9.65 10.51 -4.59
N GLN D 8 10.75 10.29 -3.87
CA GLN D 8 11.06 8.97 -3.29
C GLN D 8 11.54 9.19 -1.86
N THR D 9 10.96 8.46 -0.90
CA THR D 9 11.44 8.51 0.48
C THR D 9 12.91 8.05 0.60
N ASP D 10 13.58 8.52 1.66
CA ASP D 10 15.00 8.22 1.93
C ASP D 10 15.21 6.73 2.23
N GLN D 11 14.22 6.12 2.86
CA GLN D 11 14.29 4.72 3.20
C GLN D 11 13.03 3.99 2.71
N SER E 12 -15.48 -20.57 1.97
CA SER E 12 -15.12 -21.65 1.07
C SER E 12 -13.88 -21.30 0.26
N THR E 13 -13.97 -20.22 -0.51
CA THR E 13 -12.86 -19.80 -1.37
C THR E 13 -11.78 -19.08 -0.54
N PRO E 14 -10.53 -19.52 -0.68
CA PRO E 14 -9.42 -18.87 0.05
C PRO E 14 -9.28 -17.42 -0.34
N ILE E 15 -9.10 -16.56 0.65
CA ILE E 15 -8.87 -15.14 0.44
C ILE E 15 -7.46 -14.78 0.89
N VAL E 16 -6.59 -14.39 -0.04
CA VAL E 16 -5.24 -13.95 0.31
C VAL E 16 -5.26 -12.51 0.83
N LYS E 17 -4.68 -12.29 2.02
CA LYS E 17 -4.69 -10.97 2.66
C LYS E 17 -3.35 -10.23 2.50
N ALA E 18 -2.26 -10.98 2.47
CA ALA E 18 -0.92 -10.41 2.28
C ALA E 18 0.01 -11.47 1.72
N SER E 19 0.94 -11.07 0.87
CA SER E 19 1.88 -12.05 0.32
C SER E 19 3.12 -11.42 -0.24
N ASP E 20 4.14 -12.26 -0.40
CA ASP E 20 5.32 -11.96 -1.19
C ASP E 20 5.71 -13.31 -1.74
N ILE E 21 5.16 -13.66 -2.89
CA ILE E 21 5.18 -15.03 -3.39
C ILE E 21 4.69 -15.08 -4.84
N THR E 22 5.18 -16.04 -5.62
CA THR E 22 4.70 -16.22 -7.00
C THR E 22 3.36 -16.93 -7.00
N ASP E 23 2.57 -16.73 -8.06
CA ASP E 23 1.27 -17.37 -8.16
C ASP E 23 1.39 -18.89 -8.15
N LYS E 24 2.43 -19.41 -8.79
CA LYS E 24 2.62 -20.87 -8.86
C LYS E 24 2.72 -21.45 -7.45
N LEU E 25 3.58 -20.86 -6.63
CA LEU E 25 3.79 -21.33 -5.28
C LEU E 25 2.56 -21.06 -4.42
N LYS E 26 1.95 -19.89 -4.59
CA LYS E 26 0.72 -19.57 -3.85
C LYS E 26 -0.36 -20.59 -4.11
N GLU E 27 -0.60 -20.92 -5.38
CA GLU E 27 -1.68 -21.83 -5.71
C GLU E 27 -1.45 -23.20 -5.12
N ASP E 28 -0.19 -23.63 -5.08
CA ASP E 28 0.12 -24.94 -4.52
C ASP E 28 -0.11 -24.93 -3.01
N ILE E 29 0.26 -23.84 -2.34
CA ILE E 29 0.07 -23.74 -0.91
C ILE E 29 -1.41 -23.76 -0.56
N LEU E 30 -2.20 -23.00 -1.31
CA LEU E 30 -3.66 -22.99 -1.14
C LEU E 30 -4.28 -24.36 -1.34
N THR E 31 -3.81 -25.09 -2.35
CA THR E 31 -4.33 -26.43 -2.65
C THR E 31 -4.01 -27.41 -1.52
N ILE E 32 -2.74 -27.42 -1.12
CA ILE E 32 -2.27 -28.23 0.01
C ILE E 32 -3.04 -27.89 1.29
N SER E 33 -3.32 -26.61 1.50
CA SER E 33 -3.98 -26.16 2.73
C SER E 33 -5.44 -26.56 2.77
N LYS E 34 -6.14 -26.37 1.65
CA LYS E 34 -7.51 -26.85 1.50
C LYS E 34 -7.61 -28.33 1.77
N ASP E 35 -6.70 -29.10 1.15
CA ASP E 35 -6.70 -30.56 1.30
C ASP E 35 -6.49 -30.94 2.76
N ALA E 36 -5.62 -30.21 3.44
CA ALA E 36 -5.33 -30.47 4.85
C ALA E 36 -6.58 -30.26 5.70
N LEU E 37 -7.34 -29.22 5.36
CA LEU E 37 -8.56 -28.85 6.06
C LEU E 37 -9.61 -29.95 6.01
N ASP E 38 -9.67 -30.66 4.88
CA ASP E 38 -10.64 -31.73 4.71
C ASP E 38 -10.22 -32.95 5.52
N LYS E 39 -8.91 -33.12 5.68
CA LYS E 39 -8.38 -34.33 6.27
C LYS E 39 -8.27 -34.26 7.79
N TYR E 40 -7.85 -33.11 8.30
CA TYR E 40 -7.52 -32.95 9.71
C TYR E 40 -8.43 -31.95 10.42
N GLN E 41 -8.73 -32.24 11.69
CA GLN E 41 -9.57 -31.36 12.49
C GLN E 41 -8.75 -30.36 13.29
N LEU E 42 -7.67 -30.81 13.92
CA LEU E 42 -6.84 -29.95 14.76
C LEU E 42 -6.00 -28.96 13.95
N GLU E 43 -5.98 -27.70 14.38
CA GLU E 43 -5.19 -26.67 13.71
C GLU E 43 -3.72 -27.09 13.62
N ARG E 44 -3.20 -27.68 14.68
CA ARG E 44 -1.81 -28.09 14.73
C ARG E 44 -1.50 -29.15 13.67
N ASP E 45 -2.43 -30.08 13.48
CA ASP E 45 -2.27 -31.14 12.48
C ASP E 45 -2.35 -30.61 11.06
N ILE E 46 -3.27 -29.67 10.84
CA ILE E 46 -3.34 -28.99 9.56
C ILE E 46 -2.01 -28.29 9.26
N ALA E 47 -1.49 -27.57 10.25
CA ALA E 47 -0.23 -26.84 10.10
C ALA E 47 0.91 -27.81 9.77
N GLY E 48 0.91 -28.94 10.48
CA GLY E 48 1.96 -29.94 10.36
C GLY E 48 2.05 -30.56 8.98
N THR E 49 0.92 -30.95 8.40
CA THR E 49 0.98 -31.58 7.08
C THR E 49 1.36 -30.57 6.00
N VAL E 50 0.86 -29.34 6.13
CA VAL E 50 1.26 -28.29 5.21
C VAL E 50 2.77 -28.02 5.27
N LYS E 51 3.29 -27.82 6.48
CA LYS E 51 4.73 -27.57 6.66
C LYS E 51 5.59 -28.69 6.04
N LYS E 52 5.24 -29.93 6.34
CA LYS E 52 6.04 -31.06 5.86
C LYS E 52 6.03 -31.22 4.33
N GLN E 53 4.86 -31.00 3.74
CA GLN E 53 4.72 -31.09 2.28
C GLN E 53 5.53 -30.01 1.57
N LEU E 54 5.52 -28.81 2.15
CA LEU E 54 6.27 -27.70 1.57
C LEU E 54 7.81 -27.88 1.68
N ASP E 55 8.28 -28.39 2.83
CA ASP E 55 9.71 -28.66 3.00
C ASP E 55 10.24 -29.60 1.91
N VAL E 56 9.56 -30.73 1.69
CA VAL E 56 10.07 -31.69 0.71
C VAL E 56 9.92 -31.20 -0.72
N LYS E 57 8.81 -30.54 -1.03
CA LYS E 57 8.56 -30.12 -2.41
C LYS E 57 9.36 -28.88 -2.81
N TYR E 58 9.44 -27.90 -1.91
CA TYR E 58 10.03 -26.61 -2.24
C TYR E 58 11.30 -26.25 -1.47
N GLY E 59 11.76 -27.15 -0.60
CA GLY E 59 12.97 -26.87 0.16
C GLY E 59 12.66 -26.33 1.55
N ASN E 60 13.56 -26.59 2.49
CA ASN E 60 13.45 -26.11 3.87
C ASN E 60 13.74 -24.61 3.92
N THR E 61 13.25 -23.88 4.93
CA THR E 61 12.53 -24.39 6.09
C THR E 61 11.21 -23.62 6.23
N TRP E 62 10.10 -24.33 6.14
CA TRP E 62 8.78 -23.70 6.25
C TRP E 62 8.25 -23.72 7.68
N HIS E 63 7.36 -22.78 7.96
CA HIS E 63 6.73 -22.69 9.28
C HIS E 63 5.29 -22.32 9.01
N VAL E 64 4.37 -22.91 9.75
CA VAL E 64 2.95 -22.73 9.45
C VAL E 64 2.15 -22.49 10.72
N ILE E 65 1.33 -21.45 10.70
CA ILE E 65 0.42 -21.15 11.79
C ILE E 65 -0.99 -21.16 11.24
N VAL E 66 -1.89 -21.86 11.91
CA VAL E 66 -3.30 -21.92 11.51
C VAL E 66 -4.20 -21.62 12.72
N GLY E 67 -5.02 -20.58 12.63
CA GLY E 67 -5.83 -20.21 13.79
C GLY E 67 -6.86 -19.11 13.54
N LYS E 68 -7.71 -18.91 14.53
CA LYS E 68 -8.75 -17.89 14.44
C LYS E 68 -8.32 -16.60 15.11
N ASN E 69 -7.36 -16.70 16.03
CA ASN E 69 -6.91 -15.49 16.72
C ASN E 69 -5.44 -15.50 17.07
N PHE E 70 -4.69 -14.66 16.37
CA PHE E 70 -3.28 -14.47 16.66
C PHE E 70 -2.74 -13.25 15.97
N GLY E 71 -1.72 -12.66 16.58
CA GLY E 71 -0.90 -11.66 15.93
C GLY E 71 0.48 -12.28 15.80
N SER E 72 1.27 -11.82 14.85
CA SER E 72 2.56 -12.46 14.63
C SER E 72 3.54 -11.47 14.04
N TYR E 73 4.82 -11.70 14.30
CA TYR E 73 5.90 -10.94 13.68
C TYR E 73 7.03 -11.92 13.38
N VAL E 74 7.35 -12.05 12.11
CA VAL E 74 8.26 -13.10 11.64
C VAL E 74 9.19 -12.54 10.57
N THR E 75 10.19 -13.33 10.20
CA THR E 75 11.12 -12.92 9.17
C THR E 75 11.21 -14.04 8.15
N HIS E 76 11.00 -13.72 6.88
CA HIS E 76 10.96 -14.75 5.85
C HIS E 76 11.92 -14.44 4.70
N GLU E 77 12.31 -15.48 3.98
CA GLU E 77 13.06 -15.31 2.74
C GLU E 77 12.19 -14.60 1.69
N LYS E 78 12.81 -13.71 0.92
CA LYS E 78 12.13 -12.99 -0.15
C LYS E 78 11.39 -13.96 -1.07
N GLY E 79 10.14 -13.64 -1.38
CA GLY E 79 9.35 -14.46 -2.29
C GLY E 79 8.75 -15.69 -1.63
N HIS E 80 8.83 -15.79 -0.31
CA HIS E 80 8.28 -16.97 0.37
C HIS E 80 7.44 -16.63 1.59
N PHE E 81 6.32 -15.96 1.33
CA PHE E 81 5.43 -15.53 2.39
C PHE E 81 4.01 -15.40 1.84
N VAL E 82 3.07 -16.03 2.52
CA VAL E 82 1.66 -15.82 2.20
C VAL E 82 0.79 -15.92 3.45
N TYR E 83 -0.20 -15.04 3.53
CA TYR E 83 -1.12 -14.99 4.65
C TYR E 83 -2.53 -14.92 4.07
N PHE E 84 -3.37 -15.88 4.44
CA PHE E 84 -4.67 -16.05 3.80
C PHE E 84 -5.69 -16.68 4.73
N TYR E 85 -6.98 -16.48 4.41
CA TYR E 85 -8.06 -17.14 5.12
C TYR E 85 -8.70 -18.23 4.27
N ILE E 86 -9.14 -19.30 4.92
CA ILE E 86 -10.12 -20.22 4.33
C ILE E 86 -11.22 -20.35 5.38
N GLY E 87 -12.37 -19.76 5.10
CA GLY E 87 -13.42 -19.67 6.10
C GLY E 87 -12.94 -18.84 7.29
N PRO E 88 -13.22 -19.30 8.51
CA PRO E 88 -12.79 -18.55 9.71
C PRO E 88 -11.32 -18.78 10.05
N LEU E 89 -10.63 -19.66 9.32
CA LEU E 89 -9.25 -19.98 9.66
C LEU E 89 -8.24 -19.14 8.89
N ALA E 90 -7.42 -18.41 9.63
CA ALA E 90 -6.26 -17.72 9.08
C ALA E 90 -5.06 -18.67 8.97
N PHE E 91 -4.33 -18.56 7.86
CA PHE E 91 -3.15 -19.36 7.59
C PHE E 91 -1.95 -18.42 7.39
N LEU E 92 -0.92 -18.57 8.20
CA LEU E 92 0.35 -17.88 7.99
C LEU E 92 1.40 -18.92 7.58
N VAL E 93 1.95 -18.77 6.38
CA VAL E 93 2.84 -19.76 5.80
C VAL E 93 4.06 -19.02 5.25
N PHE E 94 5.24 -19.37 5.76
CA PHE E 94 6.47 -18.71 5.33
C PHE E 94 7.71 -19.60 5.46
N LYS E 95 8.74 -19.24 4.72
CA LYS E 95 9.98 -20.00 4.67
C LYS E 95 11.17 -19.18 5.17
N THR E 96 12.05 -19.83 5.93
CA THR E 96 13.33 -19.24 6.30
C THR E 96 14.44 -20.06 5.67
N ALA E 97 15.68 -19.78 6.04
CA ALA E 97 16.82 -20.50 5.46
C ALA E 97 16.72 -22.02 5.68
N ILE F 1 18.01 -12.41 0.58
CA ILE F 1 17.34 -11.28 1.20
C ILE F 1 16.17 -11.77 2.05
N THR F 2 16.01 -11.19 3.24
CA THR F 2 14.85 -11.51 4.09
C THR F 2 14.03 -10.26 4.38
N TYR F 3 12.76 -10.45 4.76
CA TYR F 3 11.91 -9.33 5.13
C TYR F 3 11.15 -9.66 6.40
N ASP F 4 10.87 -8.66 7.21
CA ASP F 4 10.04 -8.84 8.39
C ASP F 4 8.58 -8.60 8.07
N LYS F 5 7.67 -9.33 8.70
CA LYS F 5 6.25 -9.10 8.48
C LYS F 5 5.47 -9.20 9.77
N GLY F 6 4.57 -8.26 9.99
CA GLY F 6 3.66 -8.32 11.11
C GLY F 6 2.26 -8.57 10.58
N ILE F 7 1.55 -9.52 11.17
CA ILE F 7 0.19 -9.79 10.74
C ILE F 7 -0.72 -9.97 11.95
N GLN F 8 -2.00 -9.66 11.76
CA GLN F 8 -2.99 -9.73 12.83
C GLN F 8 -4.30 -10.29 12.25
N THR F 9 -4.83 -11.36 12.86
CA THR F 9 -6.09 -11.93 12.40
C THR F 9 -7.23 -10.92 12.54
N ASP F 10 -8.25 -11.05 11.70
CA ASP F 10 -9.43 -10.18 11.77
C ASP F 10 -10.16 -10.34 13.11
N GLN F 11 -10.30 -11.57 13.56
CA GLN F 11 -10.95 -11.85 14.85
C GLN F 11 -9.91 -12.21 15.91
#